data_3H2B
#
_entry.id   3H2B
#
_cell.length_a   70.827
_cell.length_b   72.424
_cell.length_c   74.826
_cell.angle_alpha   90.000
_cell.angle_beta   90.000
_cell.angle_gamma   90.000
#
_symmetry.space_group_name_H-M   'P 21 21 21'
#
loop_
_entity.id
_entity.type
_entity.pdbx_description
1 polymer 'SAM-dependent methyltransferase'
2 non-polymer S-ADENOSYL-L-HOMOCYSTEINE
3 non-polymer PYROPHOSPHATE
4 water water
#
_entity_poly.entity_id   1
_entity_poly.type   'polypeptide(L)'
_entity_poly.pdbx_seq_one_letter_code
;ATDDVSKAYSSPTFDAEALLGTVISAEDPDRVLIEPWATGVDGVILDVGSGTGRWTGHLASLGHQIEGLEPATRLVELAR
QTHPSVTFHHGTITDLSDSPKRWAGLLAWYSLIH(MSE)GPGELPDALVALR(MSE)AVEDGGGLL(MSE)SFFSGPSLE
P(MSE)YHPVATAYRWPLPELAQALETAGFQVTSSHWDPRFPHAYLTAEASLEHHHHHH
;
_entity_poly.pdbx_strand_id   A,B
#
loop_
_chem_comp.id
_chem_comp.type
_chem_comp.name
_chem_comp.formula
PPV non-polymer PYROPHOSPHATE 'H4 O7 P2'
SAH non-polymer S-ADENOSYL-L-HOMOCYSTEINE 'C14 H20 N6 O5 S'
#
# COMPACT_ATOMS: atom_id res chain seq x y z
N THR A 2 -10.68 -14.09 -0.95
CA THR A 2 -9.28 -13.59 -1.04
C THR A 2 -9.07 -12.28 -0.27
N ASP A 3 -8.09 -12.29 0.63
CA ASP A 3 -7.78 -11.12 1.43
C ASP A 3 -6.47 -10.49 1.00
N ASP A 4 -6.05 -10.73 -0.23
CA ASP A 4 -4.81 -10.15 -0.72
C ASP A 4 -4.85 -8.63 -0.67
N VAL A 5 -5.98 -8.04 -1.04
CA VAL A 5 -6.10 -6.59 -1.01
C VAL A 5 -5.97 -6.08 0.43
N SER A 6 -6.84 -6.55 1.32
CA SER A 6 -6.81 -6.11 2.70
C SER A 6 -5.43 -6.34 3.32
N LYS A 7 -4.82 -7.48 3.04
CA LYS A 7 -3.49 -7.75 3.59
C LYS A 7 -2.46 -6.77 3.04
N ALA A 8 -2.61 -6.37 1.77
CA ALA A 8 -1.68 -5.42 1.17
C ALA A 8 -1.85 -4.06 1.84
N TYR A 9 -3.07 -3.78 2.28
CA TYR A 9 -3.34 -2.51 2.96
C TYR A 9 -2.78 -2.52 4.37
N SER A 10 -2.62 -3.71 4.94
CA SER A 10 -2.05 -3.82 6.29
C SER A 10 -0.53 -3.73 6.24
N SER A 11 0.06 -3.95 5.06
CA SER A 11 1.51 -3.91 4.94
C SER A 11 2.16 -2.56 5.25
N PRO A 12 3.22 -2.57 6.07
CA PRO A 12 3.92 -1.33 6.42
C PRO A 12 4.48 -0.68 5.15
N THR A 13 4.71 -1.48 4.12
CA THR A 13 5.22 -0.96 2.87
C THR A 13 4.22 -0.01 2.23
N PHE A 14 2.93 -0.31 2.39
CA PHE A 14 1.92 0.59 1.82
C PHE A 14 1.88 1.87 2.63
N ASP A 15 2.14 1.74 3.92
CA ASP A 15 2.19 2.88 4.82
C ASP A 15 0.89 3.69 4.82
N ALA A 16 -0.20 3.02 5.17
CA ALA A 16 -1.52 3.64 5.21
C ALA A 16 -1.53 4.93 6.05
N GLU A 17 -0.86 4.93 7.19
CA GLU A 17 -0.85 6.13 8.04
C GLU A 17 -0.28 7.34 7.30
N ALA A 18 0.70 7.12 6.43
CA ALA A 18 1.30 8.22 5.69
C ALA A 18 0.53 8.61 4.43
N LEU A 19 -0.01 7.62 3.71
CA LEU A 19 -0.74 7.91 2.47
C LEU A 19 -2.15 8.43 2.66
N LEU A 20 -2.86 7.89 3.65
CA LEU A 20 -4.23 8.29 3.92
C LEU A 20 -4.31 9.20 5.14
N GLY A 21 -3.46 8.94 6.12
CA GLY A 21 -3.45 9.75 7.32
C GLY A 21 -4.14 9.07 8.49
N THR A 22 -3.93 9.62 9.68
CA THR A 22 -4.53 9.09 10.90
C THR A 22 -5.42 10.17 11.53
N VAL A 23 -5.18 11.41 11.18
CA VAL A 23 -5.98 12.51 11.71
C VAL A 23 -6.52 13.38 10.58
N ILE A 24 -7.70 13.93 10.76
CA ILE A 24 -8.32 14.78 9.75
C ILE A 24 -7.99 16.24 10.03
N SER A 25 -7.32 16.88 9.07
CA SER A 25 -6.98 18.28 9.20
C SER A 25 -8.26 19.11 9.18
N ALA A 26 -8.39 20.03 10.12
CA ALA A 26 -9.58 20.89 10.19
C ALA A 26 -9.79 21.65 8.89
N GLU A 27 -8.73 21.74 8.08
CA GLU A 27 -8.82 22.44 6.80
C GLU A 27 -8.95 21.49 5.61
N ASP A 28 -9.13 20.20 5.89
CA ASP A 28 -9.26 19.20 4.81
C ASP A 28 -10.51 19.52 3.97
N PRO A 29 -10.34 19.67 2.66
CA PRO A 29 -11.48 19.97 1.77
C PRO A 29 -12.58 18.92 1.74
N ASP A 30 -12.23 17.68 2.10
CA ASP A 30 -13.24 16.61 2.13
C ASP A 30 -14.26 16.84 3.26
N ARG A 31 -13.91 17.65 4.25
CA ARG A 31 -14.82 17.92 5.38
C ARG A 31 -16.15 18.52 4.94
N VAL A 32 -16.10 19.51 4.05
CA VAL A 32 -17.32 20.15 3.57
C VAL A 32 -18.19 19.21 2.75
N LEU A 33 -17.61 18.07 2.35
CA LEU A 33 -18.35 17.08 1.58
C LEU A 33 -18.95 16.02 2.50
N ILE A 34 -18.13 15.49 3.40
CA ILE A 34 -18.58 14.43 4.32
C ILE A 34 -19.46 14.90 5.49
N GLU A 35 -19.05 15.98 6.15
CA GLU A 35 -19.82 16.47 7.29
C GLU A 35 -21.27 16.84 7.00
N PRO A 36 -21.53 17.61 5.94
CA PRO A 36 -22.92 17.97 5.65
C PRO A 36 -23.78 16.71 5.43
N TRP A 37 -23.19 15.71 4.77
CA TRP A 37 -23.87 14.46 4.51
C TRP A 37 -24.16 13.72 5.83
N ALA A 38 -23.12 13.55 6.63
CA ALA A 38 -23.26 12.83 7.90
C ALA A 38 -24.35 13.44 8.76
N THR A 39 -24.47 14.77 8.74
CA THR A 39 -25.47 15.44 9.55
C THR A 39 -26.87 15.06 9.07
N GLY A 40 -26.97 14.69 7.80
CA GLY A 40 -28.26 14.31 7.25
C GLY A 40 -28.68 12.90 7.61
N VAL A 41 -27.75 12.07 8.09
CA VAL A 41 -28.08 10.71 8.46
C VAL A 41 -28.67 10.64 9.85
N ASP A 42 -29.95 10.28 9.94
CA ASP A 42 -30.61 10.20 11.23
C ASP A 42 -30.48 8.80 11.80
N GLY A 43 -29.26 8.44 12.16
CA GLY A 43 -29.00 7.13 12.72
C GLY A 43 -27.52 6.82 12.74
N VAL A 44 -27.17 5.55 12.90
CA VAL A 44 -25.78 5.16 12.96
C VAL A 44 -25.18 5.03 11.57
N ILE A 45 -24.04 5.66 11.36
CA ILE A 45 -23.37 5.60 10.07
C ILE A 45 -22.34 4.47 10.10
N LEU A 46 -22.16 3.81 8.96
CA LEU A 46 -21.16 2.76 8.87
C LEU A 46 -20.10 3.24 7.87
N ASP A 47 -18.87 3.35 8.36
CA ASP A 47 -17.72 3.78 7.57
C ASP A 47 -17.16 2.49 6.93
N VAL A 48 -17.58 2.21 5.70
CA VAL A 48 -17.17 1.01 4.94
C VAL A 48 -15.72 1.08 4.46
N GLY A 49 -14.85 0.28 5.07
CA GLY A 49 -13.44 0.30 4.72
C GLY A 49 -12.87 1.53 5.38
N SER A 50 -13.06 1.62 6.70
CA SER A 50 -12.61 2.76 7.52
C SER A 50 -11.10 2.95 7.68
N GLY A 51 -10.32 1.96 7.24
CA GLY A 51 -8.88 2.05 7.32
C GLY A 51 -8.31 2.36 8.69
N THR A 52 -7.53 3.43 8.78
CA THR A 52 -6.93 3.85 10.05
C THR A 52 -8.00 4.40 11.00
N GLY A 53 -9.19 4.65 10.47
CA GLY A 53 -10.29 5.17 11.27
C GLY A 53 -10.27 6.67 11.41
N ARG A 54 -9.50 7.34 10.55
CA ARG A 54 -9.38 8.79 10.61
C ARG A 54 -10.73 9.50 10.51
N TRP A 55 -11.57 9.11 9.55
CA TRP A 55 -12.88 9.76 9.43
C TRP A 55 -13.85 9.29 10.51
N THR A 56 -13.74 8.01 10.90
CA THR A 56 -14.62 7.45 11.93
C THR A 56 -14.43 8.19 13.26
N GLY A 57 -13.19 8.40 13.66
CA GLY A 57 -12.92 9.10 14.89
C GLY A 57 -13.33 10.54 14.78
N HIS A 58 -13.01 11.15 13.64
CA HIS A 58 -13.35 12.54 13.38
C HIS A 58 -14.84 12.80 13.53
N LEU A 59 -15.65 12.11 12.73
CA LEU A 59 -17.09 12.29 12.79
C LEU A 59 -17.63 11.96 14.18
N ALA A 60 -17.06 10.95 14.83
CA ALA A 60 -17.49 10.57 16.17
C ALA A 60 -17.30 11.75 17.11
N SER A 61 -16.13 12.38 17.03
CA SER A 61 -15.83 13.52 17.90
C SER A 61 -16.75 14.70 17.63
N LEU A 62 -17.38 14.73 16.46
CA LEU A 62 -18.29 15.81 16.12
C LEU A 62 -19.71 15.52 16.59
N GLY A 63 -19.91 14.39 17.25
CA GLY A 63 -21.23 14.04 17.74
C GLY A 63 -22.01 13.08 16.86
N HIS A 64 -21.36 12.55 15.83
CA HIS A 64 -22.03 11.62 14.94
C HIS A 64 -21.94 10.17 15.44
N GLN A 65 -23.07 9.46 15.38
CA GLN A 65 -23.14 8.05 15.79
C GLN A 65 -22.57 7.30 14.59
N ILE A 66 -21.45 6.62 14.80
CA ILE A 66 -20.83 5.92 13.70
C ILE A 66 -19.97 4.75 14.13
N GLU A 67 -19.81 3.78 13.22
CA GLU A 67 -18.98 2.61 13.46
C GLU A 67 -18.16 2.38 12.20
N GLY A 68 -17.08 1.60 12.31
CA GLY A 68 -16.27 1.35 11.14
C GLY A 68 -16.22 -0.12 10.76
N LEU A 69 -15.92 -0.38 9.49
CA LEU A 69 -15.78 -1.75 8.96
C LEU A 69 -14.46 -1.79 8.20
N GLU A 70 -13.52 -2.62 8.65
CA GLU A 70 -12.21 -2.70 8.01
C GLU A 70 -11.65 -4.12 8.06
N PRO A 71 -11.33 -4.71 6.90
CA PRO A 71 -10.77 -6.05 6.78
C PRO A 71 -9.26 -6.10 7.03
N ALA A 72 -8.59 -4.97 6.80
CA ALA A 72 -7.15 -4.86 7.00
C ALA A 72 -6.82 -4.93 8.50
N THR A 73 -6.37 -6.09 8.93
CA THR A 73 -6.05 -6.36 10.32
C THR A 73 -5.25 -5.28 11.05
N ARG A 74 -4.09 -4.93 10.50
CA ARG A 74 -3.27 -3.93 11.15
C ARG A 74 -3.99 -2.61 11.26
N LEU A 75 -4.76 -2.25 10.23
CA LEU A 75 -5.46 -0.96 10.28
C LEU A 75 -6.60 -0.95 11.28
N VAL A 76 -7.39 -2.02 11.33
CA VAL A 76 -8.51 -2.06 12.25
C VAL A 76 -8.02 -2.04 13.72
N GLU A 77 -6.90 -2.71 13.99
CA GLU A 77 -6.35 -2.72 15.34
C GLU A 77 -5.79 -1.33 15.67
N LEU A 78 -5.20 -0.67 14.69
CA LEU A 78 -4.67 0.66 14.91
C LEU A 78 -5.82 1.62 15.21
N ALA A 79 -6.90 1.54 14.43
CA ALA A 79 -8.06 2.41 14.63
C ALA A 79 -8.61 2.27 16.06
N ARG A 80 -8.74 1.02 16.52
CA ARG A 80 -9.25 0.75 17.85
C ARG A 80 -8.42 1.38 18.96
N GLN A 81 -7.09 1.32 18.86
CA GLN A 81 -6.26 1.90 19.90
C GLN A 81 -6.26 3.43 19.84
N THR A 82 -6.40 3.97 18.64
CA THR A 82 -6.42 5.41 18.42
C THR A 82 -7.75 6.04 18.84
N HIS A 83 -8.84 5.32 18.61
CA HIS A 83 -10.18 5.78 18.95
C HIS A 83 -10.89 4.68 19.74
N PRO A 84 -10.47 4.47 21.00
CA PRO A 84 -11.03 3.45 21.88
C PRO A 84 -12.53 3.53 22.13
N SER A 85 -13.09 4.71 21.90
CA SER A 85 -14.52 4.97 22.10
C SER A 85 -15.37 4.57 20.90
N VAL A 86 -14.74 4.30 19.76
CA VAL A 86 -15.47 3.95 18.55
C VAL A 86 -15.44 2.46 18.23
N THR A 87 -16.57 1.92 17.76
CA THR A 87 -16.63 0.50 17.40
C THR A 87 -16.15 0.26 15.97
N PHE A 88 -15.23 -0.68 15.81
CA PHE A 88 -14.68 -1.06 14.50
C PHE A 88 -14.84 -2.56 14.31
N HIS A 89 -15.57 -2.94 13.26
CA HIS A 89 -15.82 -4.33 12.92
C HIS A 89 -14.73 -4.78 11.96
N HIS A 90 -14.12 -5.93 12.25
CA HIS A 90 -13.08 -6.50 11.41
C HIS A 90 -13.78 -7.42 10.43
N GLY A 91 -14.05 -6.93 9.23
CA GLY A 91 -14.73 -7.77 8.26
C GLY A 91 -14.77 -7.07 6.92
N THR A 92 -15.34 -7.74 5.92
CA THR A 92 -15.44 -7.18 4.57
C THR A 92 -16.89 -6.86 4.24
N ILE A 93 -17.11 -6.12 3.16
CA ILE A 93 -18.45 -5.77 2.73
C ILE A 93 -19.32 -7.01 2.61
N THR A 94 -18.77 -8.06 2.02
CA THR A 94 -19.53 -9.29 1.85
C THR A 94 -19.87 -9.96 3.18
N ASP A 95 -19.08 -9.71 4.21
CA ASP A 95 -19.36 -10.29 5.52
C ASP A 95 -20.61 -9.70 6.14
N LEU A 96 -21.04 -8.55 5.62
CA LEU A 96 -22.24 -7.89 6.14
C LEU A 96 -23.46 -8.80 5.99
N SER A 97 -23.44 -9.68 4.99
CA SER A 97 -24.56 -10.57 4.75
C SER A 97 -24.76 -11.56 5.91
N ASP A 98 -23.71 -11.78 6.70
CA ASP A 98 -23.80 -12.71 7.82
C ASP A 98 -24.66 -12.18 8.97
N SER A 99 -24.69 -10.85 9.12
CA SER A 99 -25.47 -10.23 10.18
C SER A 99 -26.70 -9.47 9.65
N PRO A 100 -27.81 -9.54 10.37
CA PRO A 100 -29.05 -8.86 9.97
C PRO A 100 -29.01 -7.37 10.32
N LYS A 101 -27.91 -6.92 10.91
CA LYS A 101 -27.75 -5.53 11.30
C LYS A 101 -27.86 -4.58 10.11
N ARG A 102 -28.39 -3.39 10.36
CA ARG A 102 -28.53 -2.37 9.33
C ARG A 102 -28.15 -1.00 9.86
N TRP A 103 -27.60 -0.16 8.99
CA TRP A 103 -27.18 1.19 9.38
C TRP A 103 -28.05 2.21 8.64
N ALA A 104 -28.12 3.42 9.19
CA ALA A 104 -28.93 4.48 8.59
C ALA A 104 -28.20 5.15 7.43
N GLY A 105 -26.88 5.00 7.39
CA GLY A 105 -26.09 5.60 6.33
C GLY A 105 -24.77 4.89 6.11
N LEU A 106 -24.28 4.93 4.88
CA LEU A 106 -23.01 4.29 4.54
C LEU A 106 -22.01 5.27 3.92
N LEU A 107 -20.81 5.33 4.48
CA LEU A 107 -19.76 6.19 3.96
C LEU A 107 -18.70 5.26 3.37
N ALA A 108 -18.45 5.36 2.07
CA ALA A 108 -17.44 4.53 1.41
C ALA A 108 -16.44 5.45 0.72
N TRP A 109 -15.46 5.91 1.49
CA TRP A 109 -14.45 6.83 1.00
C TRP A 109 -13.27 6.07 0.39
N TYR A 110 -13.33 5.89 -0.93
CA TYR A 110 -12.31 5.19 -1.70
C TYR A 110 -12.10 3.73 -1.31
N SER A 111 -13.12 3.10 -0.76
CA SER A 111 -12.99 1.69 -0.37
C SER A 111 -13.51 0.72 -1.44
N LEU A 112 -14.02 1.27 -2.54
CA LEU A 112 -14.55 0.45 -3.62
C LEU A 112 -13.74 0.57 -4.93
N ILE A 113 -12.64 1.32 -4.90
CA ILE A 113 -11.81 1.54 -6.08
C ILE A 113 -11.15 0.32 -6.72
N HIS A 114 -10.94 -0.73 -5.94
CA HIS A 114 -10.31 -1.94 -6.47
C HIS A 114 -11.30 -2.92 -7.06
N MSE A 115 -12.55 -2.48 -7.21
CA MSE A 115 -13.58 -3.35 -7.75
C MSE A 115 -13.95 -3.05 -9.19
O MSE A 115 -14.45 -1.98 -9.52
CB MSE A 115 -14.81 -3.30 -6.86
CG MSE A 115 -14.62 -4.07 -5.55
SE MSE A 115 -16.05 -3.77 -4.33
CE MSE A 115 -15.16 -4.22 -2.66
N GLY A 116 -13.69 -4.04 -10.05
CA GLY A 116 -13.97 -3.92 -11.46
C GLY A 116 -15.42 -4.23 -11.78
N PRO A 117 -15.79 -4.18 -13.07
CA PRO A 117 -17.18 -4.45 -13.51
C PRO A 117 -17.74 -5.79 -13.05
N GLY A 118 -16.86 -6.73 -12.75
CA GLY A 118 -17.32 -8.03 -12.31
C GLY A 118 -17.41 -8.21 -10.81
N GLU A 119 -17.14 -7.15 -10.05
CA GLU A 119 -17.19 -7.25 -8.59
C GLU A 119 -18.05 -6.17 -7.94
N LEU A 120 -17.93 -4.94 -8.44
CA LEU A 120 -18.68 -3.81 -7.88
C LEU A 120 -20.18 -4.03 -7.81
N PRO A 121 -20.80 -4.54 -8.89
CA PRO A 121 -22.25 -4.77 -8.89
C PRO A 121 -22.79 -5.52 -7.66
N ASP A 122 -22.16 -6.63 -7.31
CA ASP A 122 -22.59 -7.41 -6.15
C ASP A 122 -22.14 -6.80 -4.83
N ALA A 123 -21.08 -6.00 -4.87
CA ALA A 123 -20.65 -5.34 -3.65
C ALA A 123 -21.71 -4.29 -3.31
N LEU A 124 -22.26 -3.64 -4.33
CA LEU A 124 -23.30 -2.63 -4.11
C LEU A 124 -24.59 -3.27 -3.59
N VAL A 125 -24.85 -4.50 -4.02
CA VAL A 125 -26.04 -5.21 -3.56
C VAL A 125 -25.88 -5.47 -2.06
N ALA A 126 -24.71 -5.95 -1.64
CA ALA A 126 -24.45 -6.23 -0.23
C ALA A 126 -24.60 -4.94 0.58
N LEU A 127 -24.15 -3.83 0.01
CA LEU A 127 -24.26 -2.54 0.69
C LEU A 127 -25.74 -2.19 0.88
N ARG A 128 -26.54 -2.36 -0.17
CA ARG A 128 -27.97 -2.06 -0.09
C ARG A 128 -28.64 -2.82 1.04
N MSE A 129 -28.22 -4.06 1.24
CA MSE A 129 -28.80 -4.92 2.28
C MSE A 129 -28.41 -4.48 3.68
O MSE A 129 -29.08 -4.84 4.66
CB MSE A 129 -28.32 -6.36 2.09
CG MSE A 129 -28.68 -6.99 0.75
SE MSE A 129 -30.59 -7.18 0.46
CE MSE A 129 -31.07 -7.95 2.17
N ALA A 130 -27.33 -3.70 3.78
CA ALA A 130 -26.85 -3.24 5.08
C ALA A 130 -27.34 -1.86 5.46
N VAL A 131 -28.15 -1.24 4.60
CA VAL A 131 -28.65 0.10 4.91
C VAL A 131 -30.18 0.14 4.98
N GLU A 132 -30.70 0.99 5.87
CA GLU A 132 -32.15 1.13 6.03
C GLU A 132 -32.76 1.68 4.73
N ASP A 133 -34.01 1.31 4.45
CA ASP A 133 -34.69 1.79 3.26
C ASP A 133 -34.75 3.30 3.36
N GLY A 134 -34.36 3.97 2.28
CA GLY A 134 -34.37 5.42 2.28
C GLY A 134 -33.07 5.93 2.88
N GLY A 135 -32.22 5.02 3.34
CA GLY A 135 -30.95 5.42 3.93
C GLY A 135 -30.03 6.10 2.94
N GLY A 136 -28.93 6.68 3.43
CA GLY A 136 -28.02 7.37 2.54
C GLY A 136 -26.68 6.69 2.29
N LEU A 137 -26.09 6.99 1.13
CA LEU A 137 -24.79 6.46 0.74
C LEU A 137 -23.93 7.58 0.17
N LEU A 138 -22.71 7.73 0.69
CA LEU A 138 -21.79 8.74 0.18
C LEU A 138 -20.53 7.97 -0.18
N MSE A 139 -20.13 8.04 -1.44
CA MSE A 139 -18.93 7.34 -1.87
C MSE A 139 -18.02 8.18 -2.74
O MSE A 139 -18.48 9.06 -3.50
CB MSE A 139 -19.31 6.06 -2.63
CG MSE A 139 -19.97 6.27 -3.97
SE MSE A 139 -20.36 4.56 -4.89
CE MSE A 139 -18.58 4.18 -5.57
N SER A 140 -16.73 7.92 -2.64
CA SER A 140 -15.75 8.63 -3.46
C SER A 140 -15.11 7.53 -4.29
N PHE A 141 -14.72 7.85 -5.51
CA PHE A 141 -14.13 6.86 -6.40
C PHE A 141 -13.34 7.55 -7.48
N PHE A 142 -12.85 6.78 -8.44
CA PHE A 142 -12.10 7.32 -9.55
C PHE A 142 -12.96 7.23 -10.81
N SER A 143 -13.07 8.33 -11.52
CA SER A 143 -13.89 8.33 -12.72
C SER A 143 -13.06 8.58 -13.97
N GLY A 144 -13.71 8.60 -15.13
CA GLY A 144 -13.01 8.81 -16.38
C GLY A 144 -13.96 8.64 -17.54
N PRO A 145 -13.48 8.77 -18.79
CA PRO A 145 -14.31 8.62 -19.99
C PRO A 145 -14.71 7.17 -20.28
N SER A 146 -13.95 6.22 -19.74
CA SER A 146 -14.27 4.82 -19.95
C SER A 146 -13.88 3.98 -18.73
N LEU A 147 -14.56 2.85 -18.57
CA LEU A 147 -14.31 1.94 -17.46
C LEU A 147 -13.01 1.22 -17.78
N GLU A 148 -11.95 1.60 -17.08
CA GLU A 148 -10.64 1.03 -17.33
C GLU A 148 -9.85 0.92 -16.03
N PRO A 149 -8.88 0.01 -15.99
CA PRO A 149 -8.06 -0.16 -14.79
C PRO A 149 -7.04 0.96 -14.68
N MSE A 150 -6.57 1.22 -13.48
CA MSE A 150 -5.57 2.26 -13.26
C MSE A 150 -4.61 1.83 -12.17
O MSE A 150 -4.92 0.96 -11.35
CB MSE A 150 -6.24 3.60 -12.90
CG MSE A 150 -6.68 3.76 -11.47
SE MSE A 150 -7.45 5.53 -11.15
CE MSE A 150 -5.99 6.62 -11.79
N TYR A 151 -3.43 2.43 -12.18
CA TYR A 151 -2.40 2.08 -11.19
C TYR A 151 -2.74 2.45 -9.76
N HIS A 152 -2.32 1.59 -8.83
CA HIS A 152 -2.49 1.83 -7.40
C HIS A 152 -1.51 0.91 -6.69
N PRO A 153 -0.77 1.43 -5.70
CA PRO A 153 0.21 0.64 -4.95
C PRO A 153 -0.29 -0.69 -4.41
N VAL A 154 -1.49 -0.70 -3.82
CA VAL A 154 -2.05 -1.93 -3.26
C VAL A 154 -2.41 -2.96 -4.32
N ALA A 155 -3.27 -2.57 -5.25
CA ALA A 155 -3.68 -3.46 -6.32
C ALA A 155 -4.37 -2.65 -7.40
N THR A 156 -4.63 -3.28 -8.53
CA THR A 156 -5.29 -2.60 -9.63
C THR A 156 -6.52 -1.85 -9.15
N ALA A 157 -6.67 -0.60 -9.60
CA ALA A 157 -7.82 0.20 -9.24
C ALA A 157 -8.59 0.39 -10.54
N TYR A 158 -9.81 0.93 -10.47
CA TYR A 158 -10.61 1.13 -11.66
C TYR A 158 -11.26 2.51 -11.75
N ARG A 159 -11.36 3.01 -12.98
CA ARG A 159 -12.02 4.29 -13.23
C ARG A 159 -13.41 3.90 -13.69
N TRP A 160 -14.43 4.49 -13.06
CA TRP A 160 -15.81 4.22 -13.41
C TRP A 160 -16.52 5.45 -13.96
N PRO A 161 -17.00 5.39 -15.22
CA PRO A 161 -17.70 6.56 -15.77
C PRO A 161 -19.04 6.69 -15.05
N LEU A 162 -19.58 7.89 -14.97
CA LEU A 162 -20.86 8.09 -14.28
C LEU A 162 -21.97 7.16 -14.79
N PRO A 163 -22.15 7.05 -16.13
CA PRO A 163 -23.19 6.17 -16.68
C PRO A 163 -23.15 4.74 -16.13
N GLU A 164 -21.98 4.10 -16.26
CA GLU A 164 -21.76 2.75 -15.78
C GLU A 164 -22.00 2.61 -14.27
N LEU A 165 -21.44 3.54 -13.50
CA LEU A 165 -21.59 3.49 -12.04
C LEU A 165 -23.04 3.74 -11.60
N ALA A 166 -23.67 4.75 -12.18
CA ALA A 166 -25.05 5.09 -11.84
C ALA A 166 -25.95 3.89 -12.11
N GLN A 167 -25.75 3.25 -13.26
CA GLN A 167 -26.56 2.08 -13.59
C GLN A 167 -26.32 0.93 -12.62
N ALA A 168 -25.09 0.73 -12.17
CA ALA A 168 -24.81 -0.36 -11.23
C ALA A 168 -25.50 -0.08 -9.91
N LEU A 169 -25.51 1.18 -9.51
CA LEU A 169 -26.16 1.58 -8.27
C LEU A 169 -27.69 1.38 -8.35
N GLU A 170 -28.29 1.77 -9.47
CA GLU A 170 -29.74 1.62 -9.63
C GLU A 170 -30.11 0.15 -9.62
N THR A 171 -29.27 -0.69 -10.21
CA THR A 171 -29.54 -2.13 -10.23
C THR A 171 -29.45 -2.67 -8.81
N ALA A 172 -28.57 -2.09 -8.01
CA ALA A 172 -28.37 -2.51 -6.64
C ALA A 172 -29.43 -1.96 -5.68
N GLY A 173 -30.31 -1.12 -6.19
CA GLY A 173 -31.35 -0.55 -5.34
C GLY A 173 -30.99 0.81 -4.78
N PHE A 174 -30.07 1.50 -5.44
CA PHE A 174 -29.65 2.83 -5.02
C PHE A 174 -30.02 3.84 -6.10
N GLN A 175 -30.41 5.04 -5.67
CA GLN A 175 -30.76 6.11 -6.60
C GLN A 175 -29.78 7.23 -6.36
N VAL A 176 -29.09 7.65 -7.41
CA VAL A 176 -28.12 8.73 -7.26
C VAL A 176 -28.82 10.07 -7.08
N THR A 177 -28.51 10.72 -5.97
CA THR A 177 -29.11 12.00 -5.66
C THR A 177 -28.21 13.17 -6.01
N SER A 178 -26.91 12.91 -6.07
CA SER A 178 -25.95 13.94 -6.45
C SER A 178 -24.62 13.34 -6.88
N SER A 179 -23.87 14.09 -7.69
CA SER A 179 -22.58 13.64 -8.16
C SER A 179 -21.69 14.85 -8.51
N HIS A 180 -20.38 14.66 -8.41
CA HIS A 180 -19.43 15.72 -8.74
C HIS A 180 -18.17 15.10 -9.31
N TRP A 181 -17.58 15.79 -10.28
CA TRP A 181 -16.34 15.31 -10.90
C TRP A 181 -15.68 16.36 -11.79
N ASP A 182 -14.38 16.53 -11.61
CA ASP A 182 -13.60 17.47 -12.41
C ASP A 182 -12.84 16.60 -13.40
N PRO A 183 -13.21 16.68 -14.68
CA PRO A 183 -12.60 15.92 -15.77
C PRO A 183 -11.07 15.96 -15.84
N ARG A 184 -10.46 16.93 -15.15
CA ARG A 184 -9.00 17.04 -15.14
C ARG A 184 -8.38 15.97 -14.25
N PHE A 185 -9.07 15.62 -13.16
CA PHE A 185 -8.58 14.63 -12.22
C PHE A 185 -9.53 13.45 -12.07
N PRO A 186 -8.99 12.28 -11.69
CA PRO A 186 -9.80 11.07 -11.53
C PRO A 186 -10.71 11.06 -10.30
N HIS A 187 -10.29 11.77 -9.24
CA HIS A 187 -11.08 11.84 -8.01
C HIS A 187 -12.52 12.26 -8.27
N ALA A 188 -13.48 11.53 -7.71
CA ALA A 188 -14.90 11.85 -7.89
C ALA A 188 -15.71 11.38 -6.69
N TYR A 189 -16.96 11.82 -6.60
CA TYR A 189 -17.79 11.36 -5.51
C TYR A 189 -19.26 11.55 -5.80
N LEU A 190 -20.08 10.84 -5.04
CA LEU A 190 -21.51 10.94 -5.23
C LEU A 190 -22.28 10.42 -4.06
N THR A 191 -23.52 10.88 -3.95
CA THR A 191 -24.41 10.46 -2.88
C THR A 191 -25.56 9.72 -3.53
N ALA A 192 -26.15 8.79 -2.78
CA ALA A 192 -27.27 8.01 -3.28
C ALA A 192 -28.21 7.67 -2.13
N GLU A 193 -29.45 7.35 -2.47
CA GLU A 193 -30.45 6.99 -1.47
C GLU A 193 -30.96 5.58 -1.70
N ALA A 194 -30.97 4.77 -0.64
CA ALA A 194 -31.44 3.39 -0.71
C ALA A 194 -32.91 3.39 -1.12
N SER A 195 -33.27 2.58 -2.11
CA SER A 195 -34.67 2.55 -2.54
C SER A 195 -35.58 2.02 -1.44
N LEU A 196 -36.88 2.00 -1.72
CA LEU A 196 -37.85 1.53 -0.75
C LEU A 196 -38.36 0.13 -1.11
N ALA B 1 18.73 5.72 11.17
CA ALA B 1 20.05 5.03 11.01
C ALA B 1 19.78 3.54 10.96
N THR B 2 20.56 2.83 10.14
CA THR B 2 20.39 1.38 9.98
C THR B 2 20.36 0.57 11.28
N ASP B 3 21.18 0.94 12.26
CA ASP B 3 21.21 0.20 13.52
C ASP B 3 19.86 0.20 14.23
N ASP B 4 19.25 1.38 14.40
CA ASP B 4 17.96 1.46 15.06
C ASP B 4 16.84 0.90 14.18
N VAL B 5 16.98 1.03 12.86
CA VAL B 5 15.99 0.52 11.92
C VAL B 5 15.98 -0.99 11.90
N SER B 6 17.16 -1.59 11.85
CA SER B 6 17.27 -3.04 11.82
C SER B 6 16.70 -3.67 13.10
N LYS B 7 16.95 -3.06 14.26
CA LYS B 7 16.40 -3.66 15.47
C LYS B 7 14.89 -3.41 15.57
N ALA B 8 14.40 -2.37 14.88
CA ALA B 8 12.97 -2.09 14.89
C ALA B 8 12.24 -3.18 14.10
N TYR B 9 12.86 -3.62 13.02
CA TYR B 9 12.29 -4.67 12.18
C TYR B 9 12.39 -6.05 12.82
N SER B 10 13.34 -6.22 13.73
CA SER B 10 13.52 -7.50 14.40
C SER B 10 12.79 -7.50 15.74
N SER B 11 12.07 -6.42 16.03
CA SER B 11 11.34 -6.29 17.28
C SER B 11 10.22 -7.33 17.36
N PRO B 12 10.12 -8.03 18.51
CA PRO B 12 9.08 -9.05 18.70
C PRO B 12 7.67 -8.49 18.66
N THR B 13 7.55 -7.16 18.72
CA THR B 13 6.25 -6.50 18.69
C THR B 13 5.82 -6.23 17.25
N PHE B 14 6.63 -6.70 16.30
CA PHE B 14 6.34 -6.51 14.89
C PHE B 14 6.35 -7.85 14.16
N ASP B 15 5.18 -8.48 14.02
CA ASP B 15 5.18 -9.76 13.31
C ASP B 15 5.14 -9.54 11.81
N ALA B 16 6.33 -9.57 11.23
CA ALA B 16 6.51 -9.38 9.80
C ALA B 16 5.92 -10.54 9.01
N GLU B 17 5.84 -11.71 9.63
CA GLU B 17 5.30 -12.88 8.96
C GLU B 17 3.89 -12.61 8.44
N ALA B 18 3.06 -12.00 9.28
CA ALA B 18 1.69 -11.69 8.92
C ALA B 18 1.57 -10.40 8.12
N LEU B 19 2.31 -9.38 8.53
CA LEU B 19 2.24 -8.08 7.85
C LEU B 19 2.94 -8.08 6.50
N LEU B 20 4.22 -8.44 6.48
CA LEU B 20 4.97 -8.48 5.25
C LEU B 20 4.62 -9.70 4.40
N GLY B 21 4.28 -10.80 5.08
CA GLY B 21 3.93 -12.02 4.38
C GLY B 21 5.17 -12.87 4.10
N THR B 22 5.01 -14.19 4.05
CA THR B 22 6.12 -15.10 3.79
C THR B 22 6.06 -15.71 2.39
N VAL B 23 4.97 -15.48 1.68
CA VAL B 23 4.80 -15.99 0.32
C VAL B 23 4.15 -14.94 -0.56
N ILE B 24 4.53 -14.91 -1.84
CA ILE B 24 3.99 -13.93 -2.77
C ILE B 24 2.67 -14.37 -3.38
N SER B 25 1.71 -13.45 -3.45
CA SER B 25 0.40 -13.73 -4.03
C SER B 25 0.48 -13.71 -5.55
N ALA B 26 -0.31 -14.54 -6.21
CA ALA B 26 -0.31 -14.61 -7.66
C ALA B 26 -0.88 -13.34 -8.27
N GLU B 27 -1.59 -12.56 -7.44
CA GLU B 27 -2.19 -11.32 -7.91
C GLU B 27 -1.33 -10.11 -7.54
N ASP B 28 -0.23 -10.35 -6.85
CA ASP B 28 0.67 -9.27 -6.45
C ASP B 28 1.18 -8.55 -7.69
N PRO B 29 0.81 -7.27 -7.87
CA PRO B 29 1.23 -6.48 -9.02
C PRO B 29 2.75 -6.32 -9.19
N ASP B 30 3.49 -6.51 -8.10
CA ASP B 30 4.94 -6.39 -8.17
C ASP B 30 5.56 -7.55 -8.95
N ARG B 31 4.82 -8.63 -9.14
CA ARG B 31 5.34 -9.78 -9.87
C ARG B 31 5.75 -9.39 -11.29
N VAL B 32 4.88 -8.65 -11.97
CA VAL B 32 5.14 -8.22 -13.34
C VAL B 32 6.37 -7.32 -13.44
N LEU B 33 6.81 -6.77 -12.32
CA LEU B 33 7.98 -5.90 -12.32
C LEU B 33 9.26 -6.64 -11.98
N ILE B 34 9.21 -7.45 -10.92
CA ILE B 34 10.36 -8.19 -10.45
C ILE B 34 10.72 -9.43 -11.26
N GLU B 35 9.71 -10.22 -11.60
CA GLU B 35 9.93 -11.44 -12.37
C GLU B 35 10.66 -11.19 -13.69
N PRO B 36 10.16 -10.25 -14.50
CA PRO B 36 10.84 -9.98 -15.78
C PRO B 36 12.26 -9.52 -15.57
N TRP B 37 12.46 -8.66 -14.58
CA TRP B 37 13.77 -8.13 -14.28
C TRP B 37 14.72 -9.26 -13.90
N ALA B 38 14.26 -10.14 -13.02
CA ALA B 38 15.08 -11.25 -12.56
C ALA B 38 15.60 -12.12 -13.71
N THR B 39 14.72 -12.41 -14.67
CA THR B 39 15.09 -13.23 -15.82
C THR B 39 16.25 -12.60 -16.59
N GLY B 40 16.30 -11.27 -16.55
CA GLY B 40 17.36 -10.56 -17.26
C GLY B 40 18.70 -10.60 -16.55
N VAL B 41 18.71 -11.08 -15.30
CA VAL B 41 19.96 -11.16 -14.55
C VAL B 41 20.73 -12.44 -14.87
N ASP B 42 21.92 -12.28 -15.45
CA ASP B 42 22.75 -13.42 -15.81
C ASP B 42 23.74 -13.73 -14.71
N GLY B 43 23.25 -14.34 -13.64
CA GLY B 43 24.12 -14.67 -12.52
C GLY B 43 23.34 -14.73 -11.23
N VAL B 44 24.05 -14.65 -10.11
CA VAL B 44 23.40 -14.71 -8.80
C VAL B 44 22.83 -13.37 -8.37
N ILE B 45 21.54 -13.36 -8.09
CA ILE B 45 20.89 -12.13 -7.65
C ILE B 45 21.04 -12.02 -6.14
N LEU B 46 21.19 -10.79 -5.65
CA LEU B 46 21.29 -10.55 -4.23
C LEU B 46 20.07 -9.70 -3.85
N ASP B 47 19.21 -10.26 -3.00
CA ASP B 47 17.99 -9.58 -2.54
C ASP B 47 18.41 -8.78 -1.31
N VAL B 48 18.61 -7.47 -1.51
CA VAL B 48 19.05 -6.55 -0.45
C VAL B 48 17.95 -6.17 0.52
N GLY B 49 18.07 -6.66 1.75
CA GLY B 49 17.05 -6.38 2.75
C GLY B 49 15.87 -7.27 2.40
N SER B 50 16.17 -8.56 2.27
CA SER B 50 15.18 -9.58 1.91
C SER B 50 14.05 -9.78 2.93
N GLY B 51 14.25 -9.26 4.14
CA GLY B 51 13.25 -9.36 5.18
C GLY B 51 12.85 -10.78 5.55
N THR B 52 11.58 -11.11 5.33
CA THR B 52 11.06 -12.46 5.63
C THR B 52 11.51 -13.43 4.54
N GLY B 53 12.10 -12.90 3.47
CA GLY B 53 12.56 -13.75 2.38
C GLY B 53 11.47 -14.13 1.40
N ARG B 54 10.32 -13.47 1.49
CA ARG B 54 9.22 -13.80 0.61
C ARG B 54 9.58 -13.73 -0.88
N TRP B 55 10.31 -12.69 -1.30
CA TRP B 55 10.69 -12.60 -2.72
C TRP B 55 11.89 -13.50 -3.05
N THR B 56 12.75 -13.72 -2.06
CA THR B 56 13.92 -14.56 -2.25
C THR B 56 13.48 -15.99 -2.57
N GLY B 57 12.58 -16.51 -1.73
CA GLY B 57 12.07 -17.86 -1.94
C GLY B 57 11.30 -17.97 -3.24
N HIS B 58 10.46 -16.97 -3.50
CA HIS B 58 9.64 -16.94 -4.72
C HIS B 58 10.50 -17.04 -5.97
N LEU B 59 11.52 -16.18 -6.07
CA LEU B 59 12.41 -16.18 -7.22
C LEU B 59 13.25 -17.45 -7.29
N ALA B 60 13.67 -17.94 -6.14
CA ALA B 60 14.48 -19.15 -6.12
C ALA B 60 13.64 -20.32 -6.63
N SER B 61 12.36 -20.36 -6.27
CA SER B 61 11.49 -21.45 -6.71
C SER B 61 11.29 -21.43 -8.22
N LEU B 62 11.47 -20.26 -8.82
CA LEU B 62 11.30 -20.15 -10.27
C LEU B 62 12.58 -20.38 -11.05
N GLY B 63 13.57 -20.99 -10.39
CA GLY B 63 14.82 -21.30 -11.06
C GLY B 63 15.91 -20.24 -11.06
N HIS B 64 15.67 -19.13 -10.37
CA HIS B 64 16.67 -18.04 -10.32
C HIS B 64 17.75 -18.32 -9.25
N GLN B 65 18.99 -17.95 -9.56
CA GLN B 65 20.10 -18.09 -8.61
C GLN B 65 20.00 -16.81 -7.79
N ILE B 66 19.65 -16.94 -6.53
CA ILE B 66 19.47 -15.76 -5.69
C ILE B 66 19.74 -16.05 -4.21
N GLU B 67 20.25 -15.06 -3.51
CA GLU B 67 20.54 -15.16 -2.09
C GLU B 67 19.95 -13.91 -1.44
N GLY B 68 19.89 -13.89 -0.11
CA GLY B 68 19.34 -12.72 0.55
C GLY B 68 20.33 -12.07 1.51
N LEU B 69 20.09 -10.80 1.83
CA LEU B 69 20.91 -10.05 2.77
C LEU B 69 19.91 -9.36 3.70
N GLU B 70 19.98 -9.65 5.00
CA GLU B 70 19.05 -9.04 5.95
C GLU B 70 19.72 -8.77 7.30
N PRO B 71 19.73 -7.49 7.76
CA PRO B 71 20.34 -7.13 9.05
C PRO B 71 19.48 -7.46 10.26
N ALA B 72 18.16 -7.45 10.10
CA ALA B 72 17.24 -7.77 11.21
C ALA B 72 17.38 -9.23 11.62
N THR B 73 17.99 -9.46 12.77
CA THR B 73 18.22 -10.83 13.25
C THR B 73 16.99 -11.72 13.23
N ARG B 74 15.90 -11.29 13.86
CA ARG B 74 14.70 -12.11 13.89
C ARG B 74 14.17 -12.43 12.49
N LEU B 75 14.32 -11.49 11.56
CA LEU B 75 13.82 -11.70 10.19
C LEU B 75 14.66 -12.68 9.38
N VAL B 76 15.98 -12.52 9.42
CA VAL B 76 16.85 -13.42 8.66
C VAL B 76 16.70 -14.86 9.16
N GLU B 77 16.64 -15.05 10.48
CA GLU B 77 16.49 -16.39 11.03
C GLU B 77 15.13 -16.95 10.60
N LEU B 78 14.11 -16.11 10.65
CA LEU B 78 12.76 -16.50 10.24
C LEU B 78 12.76 -16.93 8.77
N ALA B 79 13.46 -16.16 7.95
CA ALA B 79 13.55 -16.44 6.52
C ALA B 79 14.20 -17.79 6.23
N ARG B 80 15.20 -18.16 7.02
CA ARG B 80 15.87 -19.44 6.80
C ARG B 80 14.96 -20.64 7.07
N GLN B 81 14.18 -20.57 8.13
CA GLN B 81 13.29 -21.70 8.45
C GLN B 81 12.19 -21.85 7.41
N THR B 82 11.72 -20.72 6.88
CA THR B 82 10.67 -20.67 5.88
C THR B 82 11.17 -21.12 4.51
N HIS B 83 12.40 -20.73 4.17
CA HIS B 83 12.99 -21.10 2.89
C HIS B 83 14.34 -21.78 3.15
N PRO B 84 14.31 -23.03 3.64
CA PRO B 84 15.51 -23.80 3.96
C PRO B 84 16.52 -24.05 2.84
N SER B 85 16.08 -23.94 1.59
CA SER B 85 16.98 -24.17 0.46
C SER B 85 17.64 -22.88 -0.02
N VAL B 86 17.30 -21.76 0.60
CA VAL B 86 17.85 -20.48 0.18
C VAL B 86 18.88 -19.90 1.16
N THR B 87 19.96 -19.35 0.60
CA THR B 87 21.01 -18.76 1.41
C THR B 87 20.69 -17.31 1.77
N PHE B 88 20.66 -17.04 3.08
CA PHE B 88 20.39 -15.71 3.63
C PHE B 88 21.60 -15.24 4.44
N HIS B 89 22.13 -14.08 4.07
CA HIS B 89 23.29 -13.51 4.75
C HIS B 89 22.80 -12.53 5.80
N HIS B 90 23.28 -12.69 7.02
CA HIS B 90 22.90 -11.78 8.10
C HIS B 90 23.85 -10.60 8.09
N GLY B 91 23.39 -9.44 7.64
CA GLY B 91 24.28 -8.29 7.62
C GLY B 91 23.63 -7.10 6.97
N THR B 92 24.36 -5.98 6.91
CA THR B 92 23.87 -4.74 6.33
C THR B 92 24.54 -4.47 4.99
N ILE B 93 24.03 -3.47 4.28
CA ILE B 93 24.61 -3.10 3.00
C ILE B 93 26.09 -2.74 3.15
N THR B 94 26.43 -1.95 4.18
CA THR B 94 27.82 -1.55 4.38
C THR B 94 28.74 -2.73 4.67
N ASP B 95 28.20 -3.78 5.28
CA ASP B 95 28.99 -4.98 5.57
C ASP B 95 29.48 -5.59 4.25
N LEU B 96 28.77 -5.31 3.17
CA LEU B 96 29.14 -5.84 1.86
C LEU B 96 30.52 -5.38 1.44
N SER B 97 30.91 -4.20 1.89
CA SER B 97 32.22 -3.65 1.53
C SER B 97 33.36 -4.38 2.25
N ASP B 98 33.02 -5.20 3.23
CA ASP B 98 34.04 -5.96 3.97
C ASP B 98 34.41 -7.25 3.27
N SER B 99 33.67 -7.58 2.21
CA SER B 99 33.91 -8.80 1.45
C SER B 99 34.09 -8.51 -0.03
N PRO B 100 34.88 -9.35 -0.73
CA PRO B 100 35.14 -9.19 -2.16
C PRO B 100 33.98 -9.72 -3.02
N LYS B 101 32.96 -10.28 -2.36
CA LYS B 101 31.80 -10.83 -3.04
C LYS B 101 31.15 -9.86 -4.02
N ARG B 102 30.70 -10.38 -5.15
CA ARG B 102 30.02 -9.58 -6.16
C ARG B 102 28.90 -10.40 -6.80
N TRP B 103 27.72 -9.80 -6.89
CA TRP B 103 26.58 -10.48 -7.48
C TRP B 103 26.32 -9.93 -8.87
N ALA B 104 25.52 -10.66 -9.65
CA ALA B 104 25.21 -10.25 -11.03
C ALA B 104 24.14 -9.17 -11.08
N GLY B 105 23.29 -9.14 -10.07
CA GLY B 105 22.21 -8.16 -10.02
C GLY B 105 21.81 -7.88 -8.59
N LEU B 106 21.16 -6.74 -8.39
CA LEU B 106 20.73 -6.35 -7.06
C LEU B 106 19.25 -5.98 -7.01
N LEU B 107 18.53 -6.60 -6.08
CA LEU B 107 17.12 -6.31 -5.88
C LEU B 107 16.96 -5.65 -4.51
N ALA B 108 16.54 -4.38 -4.50
CA ALA B 108 16.32 -3.67 -3.24
C ALA B 108 14.87 -3.22 -3.25
N TRP B 109 13.99 -4.10 -2.79
CA TRP B 109 12.56 -3.82 -2.77
C TRP B 109 12.12 -3.18 -1.46
N TYR B 110 12.02 -1.85 -1.47
CA TYR B 110 11.63 -1.06 -0.30
C TYR B 110 12.56 -1.25 0.89
N SER B 111 13.80 -1.64 0.63
CA SER B 111 14.78 -1.83 1.68
C SER B 111 15.62 -0.59 1.91
N LEU B 112 15.51 0.39 1.03
CA LEU B 112 16.30 1.62 1.17
C LEU B 112 15.46 2.81 1.59
N ILE B 113 14.19 2.57 1.89
CA ILE B 113 13.26 3.63 2.26
C ILE B 113 13.51 4.37 3.57
N HIS B 114 14.36 3.83 4.44
CA HIS B 114 14.64 4.49 5.71
C HIS B 114 15.96 5.26 5.71
N MSE B 115 16.54 5.46 4.54
CA MSE B 115 17.80 6.19 4.44
C MSE B 115 17.67 7.58 3.86
O MSE B 115 17.13 7.78 2.77
CB MSE B 115 18.79 5.39 3.63
CG MSE B 115 19.03 4.00 4.20
SE MSE B 115 20.50 3.17 3.32
CE MSE B 115 21.16 2.10 4.79
N GLY B 116 18.19 8.56 4.62
CA GLY B 116 18.16 9.95 4.21
C GLY B 116 19.42 10.33 3.47
N PRO B 117 19.58 11.63 3.14
CA PRO B 117 20.76 12.14 2.41
C PRO B 117 22.12 11.85 3.05
N GLY B 118 22.13 11.63 4.36
CA GLY B 118 23.38 11.35 5.02
C GLY B 118 23.69 9.86 5.08
N GLU B 119 22.84 9.03 4.49
CA GLU B 119 23.08 7.59 4.56
C GLU B 119 22.96 6.86 3.21
N LEU B 120 21.98 7.22 2.39
CA LEU B 120 21.81 6.56 1.10
C LEU B 120 23.07 6.61 0.23
N PRO B 121 23.72 7.79 0.13
CA PRO B 121 24.93 7.91 -0.68
C PRO B 121 25.93 6.79 -0.44
N ASP B 122 26.33 6.58 0.81
CA ASP B 122 27.27 5.53 1.16
C ASP B 122 26.72 4.14 0.88
N ALA B 123 25.41 3.98 0.98
CA ALA B 123 24.80 2.68 0.74
C ALA B 123 24.90 2.35 -0.74
N LEU B 124 24.62 3.34 -1.58
CA LEU B 124 24.68 3.14 -3.03
C LEU B 124 26.09 2.80 -3.47
N VAL B 125 27.08 3.44 -2.84
CA VAL B 125 28.48 3.16 -3.15
C VAL B 125 28.82 1.71 -2.81
N ALA B 126 28.39 1.24 -1.64
CA ALA B 126 28.65 -0.15 -1.24
C ALA B 126 27.96 -1.10 -2.22
N LEU B 127 26.74 -0.78 -2.58
CA LEU B 127 25.97 -1.60 -3.51
C LEU B 127 26.70 -1.70 -4.85
N ARG B 128 27.19 -0.58 -5.37
CA ARG B 128 27.89 -0.61 -6.65
C ARG B 128 29.11 -1.52 -6.58
N MSE B 129 29.78 -1.53 -5.44
CA MSE B 129 30.96 -2.36 -5.29
C MSE B 129 30.59 -3.81 -5.04
O MSE B 129 31.47 -4.68 -5.01
CB MSE B 129 31.82 -1.84 -4.14
CG MSE B 129 32.19 -0.38 -4.28
SE MSE B 129 33.40 0.19 -2.89
CE MSE B 129 32.16 0.25 -1.40
N ALA B 130 29.30 -4.08 -4.89
CA ALA B 130 28.80 -5.44 -4.65
C ALA B 130 28.18 -6.09 -5.88
N VAL B 131 28.14 -5.36 -6.98
CA VAL B 131 27.56 -5.89 -8.22
C VAL B 131 28.60 -5.87 -9.34
N GLU B 132 28.52 -6.87 -10.22
CA GLU B 132 29.45 -6.94 -11.34
C GLU B 132 29.24 -5.73 -12.22
N ASP B 133 30.30 -5.33 -12.93
CA ASP B 133 30.23 -4.18 -13.83
C ASP B 133 29.17 -4.47 -14.89
N GLY B 134 28.30 -3.49 -15.12
CA GLY B 134 27.25 -3.68 -16.10
C GLY B 134 26.07 -4.42 -15.51
N GLY B 135 26.21 -4.86 -14.26
CA GLY B 135 25.13 -5.57 -13.59
C GLY B 135 23.95 -4.65 -13.32
N GLY B 136 22.79 -5.24 -13.08
CA GLY B 136 21.59 -4.45 -12.83
C GLY B 136 21.11 -4.28 -11.40
N LEU B 137 20.30 -3.26 -11.21
CA LEU B 137 19.73 -2.91 -9.93
C LEU B 137 18.25 -2.57 -10.11
N LEU B 138 17.40 -3.19 -9.31
CA LEU B 138 15.98 -2.89 -9.38
C LEU B 138 15.65 -2.46 -7.97
N MSE B 139 15.18 -1.23 -7.81
CA MSE B 139 14.84 -0.75 -6.49
C MSE B 139 13.50 -0.03 -6.50
O MSE B 139 13.13 0.60 -7.50
CB MSE B 139 15.92 0.18 -5.94
CG MSE B 139 16.07 1.48 -6.70
SE MSE B 139 17.32 2.74 -5.82
CE MSE B 139 16.18 3.32 -4.35
N SER B 140 12.78 -0.15 -5.41
CA SER B 140 11.49 0.50 -5.25
C SER B 140 11.70 1.43 -4.05
N PHE B 141 11.03 2.56 -4.04
CA PHE B 141 11.24 3.50 -2.96
C PHE B 141 10.06 4.47 -2.87
N PHE B 142 10.21 5.52 -2.08
CA PHE B 142 9.17 6.53 -1.96
C PHE B 142 9.72 7.80 -2.57
N SER B 143 8.94 8.43 -3.45
CA SER B 143 9.37 9.65 -4.11
C SER B 143 8.40 10.79 -3.78
N GLY B 144 8.69 11.98 -4.30
CA GLY B 144 7.84 13.13 -4.04
C GLY B 144 8.52 14.38 -4.55
N PRO B 145 7.88 15.55 -4.43
CA PRO B 145 8.46 16.82 -4.89
C PRO B 145 9.64 17.30 -4.05
N SER B 146 9.75 16.80 -2.83
CA SER B 146 10.84 17.21 -1.96
C SER B 146 11.49 16.03 -1.22
N LEU B 147 12.79 16.17 -0.93
CA LEU B 147 13.50 15.13 -0.20
C LEU B 147 13.20 15.39 1.27
N GLU B 148 12.27 14.62 1.81
CA GLU B 148 11.86 14.85 3.20
C GLU B 148 11.48 13.56 3.90
N PRO B 149 11.46 13.57 5.25
CA PRO B 149 11.09 12.37 6.00
C PRO B 149 9.59 12.11 5.85
N MSE B 150 9.16 10.89 6.15
CA MSE B 150 7.76 10.53 6.05
C MSE B 150 7.45 9.47 7.09
O MSE B 150 8.24 8.56 7.31
CB MSE B 150 7.45 9.98 4.64
CG MSE B 150 5.99 9.62 4.42
SE MSE B 150 5.61 8.99 2.61
CE MSE B 150 5.85 7.10 2.84
N TYR B 151 6.32 9.62 7.75
CA TYR B 151 5.94 8.65 8.78
C TYR B 151 5.85 7.25 8.20
N HIS B 152 6.32 6.27 8.98
CA HIS B 152 6.28 4.87 8.62
C HIS B 152 6.12 4.11 9.94
N PRO B 153 5.22 3.12 10.00
CA PRO B 153 4.94 2.31 11.19
C PRO B 153 6.12 1.61 11.85
N VAL B 154 7.14 1.21 11.08
CA VAL B 154 8.31 0.54 11.66
C VAL B 154 9.40 1.57 12.03
N ALA B 155 9.76 2.42 11.08
CA ALA B 155 10.77 3.45 11.32
C ALA B 155 10.58 4.55 10.30
N THR B 156 11.08 5.74 10.64
CA THR B 156 10.96 6.88 9.74
C THR B 156 11.45 6.56 8.33
N ALA B 157 10.68 6.97 7.34
CA ALA B 157 11.03 6.73 5.95
C ALA B 157 11.36 8.07 5.29
N TYR B 158 11.85 8.03 4.05
CA TYR B 158 12.20 9.24 3.33
C TYR B 158 11.67 9.28 1.91
N ARG B 159 11.27 10.47 1.47
CA ARG B 159 10.79 10.64 0.10
C ARG B 159 11.97 11.21 -0.66
N TRP B 160 12.27 10.59 -1.81
CA TRP B 160 13.38 11.02 -2.65
C TRP B 160 12.93 11.43 -4.03
N PRO B 161 13.09 12.72 -4.37
CA PRO B 161 12.68 13.21 -5.68
C PRO B 161 13.60 12.52 -6.70
N LEU B 162 13.11 12.30 -7.91
CA LEU B 162 13.91 11.64 -8.94
C LEU B 162 15.27 12.32 -9.19
N PRO B 163 15.30 13.65 -9.33
CA PRO B 163 16.56 14.34 -9.57
C PRO B 163 17.67 14.00 -8.58
N GLU B 164 17.35 14.14 -7.29
CA GLU B 164 18.32 13.85 -6.22
C GLU B 164 18.75 12.38 -6.18
N LEU B 165 17.80 11.47 -6.30
CA LEU B 165 18.13 10.05 -6.27
C LEU B 165 18.95 9.65 -7.50
N ALA B 166 18.55 10.09 -8.68
CA ALA B 166 19.28 9.73 -9.90
C ALA B 166 20.70 10.26 -9.84
N GLN B 167 20.89 11.45 -9.26
CA GLN B 167 22.23 12.01 -9.15
C GLN B 167 23.04 11.18 -8.16
N ALA B 168 22.42 10.79 -7.05
CA ALA B 168 23.11 9.99 -6.04
C ALA B 168 23.59 8.67 -6.64
N LEU B 169 22.74 8.07 -7.48
CA LEU B 169 23.04 6.81 -8.14
C LEU B 169 24.22 6.98 -9.10
N GLU B 170 24.17 8.04 -9.91
CA GLU B 170 25.24 8.32 -10.86
C GLU B 170 26.57 8.54 -10.12
N THR B 171 26.52 9.32 -9.05
CA THR B 171 27.74 9.57 -8.27
C THR B 171 28.28 8.25 -7.73
N ALA B 172 27.38 7.35 -7.36
CA ALA B 172 27.74 6.05 -6.81
C ALA B 172 28.23 5.05 -7.85
N GLY B 173 27.97 5.35 -9.12
CA GLY B 173 28.41 4.45 -10.18
C GLY B 173 27.27 3.71 -10.88
N PHE B 174 26.07 4.25 -10.75
CA PHE B 174 24.88 3.66 -11.36
C PHE B 174 24.20 4.61 -12.34
N GLN B 175 23.68 4.08 -13.44
CA GLN B 175 22.96 4.89 -14.42
C GLN B 175 21.53 4.39 -14.51
N VAL B 176 20.56 5.30 -14.35
CA VAL B 176 19.16 4.93 -14.39
C VAL B 176 18.75 4.54 -15.81
N THR B 177 18.22 3.33 -15.95
CA THR B 177 17.80 2.84 -17.26
C THR B 177 16.29 2.95 -17.42
N SER B 178 15.59 3.03 -16.31
CA SER B 178 14.14 3.17 -16.34
C SER B 178 13.64 3.58 -14.96
N SER B 179 12.55 4.33 -14.93
CA SER B 179 11.94 4.78 -13.69
C SER B 179 10.45 4.94 -13.92
N HIS B 180 9.68 4.86 -12.83
CA HIS B 180 8.24 5.02 -12.91
C HIS B 180 7.74 5.60 -11.60
N TRP B 181 6.76 6.48 -11.69
CA TRP B 181 6.20 7.09 -10.51
C TRP B 181 4.88 7.79 -10.83
N ASP B 182 3.89 7.55 -9.98
CA ASP B 182 2.58 8.16 -10.13
C ASP B 182 2.53 9.19 -8.99
N PRO B 183 2.53 10.49 -9.33
CA PRO B 183 2.49 11.61 -8.37
C PRO B 183 1.43 11.52 -7.27
N ARG B 184 0.41 10.70 -7.47
CA ARG B 184 -0.64 10.58 -6.47
C ARG B 184 -0.23 9.68 -5.30
N PHE B 185 0.85 8.93 -5.47
CA PHE B 185 1.35 8.03 -4.44
C PHE B 185 2.86 8.17 -4.34
N PRO B 186 3.42 7.98 -3.14
CA PRO B 186 4.88 8.09 -3.04
C PRO B 186 5.61 6.89 -3.64
N HIS B 187 4.94 5.74 -3.69
CA HIS B 187 5.56 4.52 -4.23
C HIS B 187 6.12 4.73 -5.63
N ALA B 188 7.38 4.34 -5.79
CA ALA B 188 8.08 4.51 -7.05
C ALA B 188 9.12 3.41 -7.23
N TYR B 189 9.59 3.23 -8.45
CA TYR B 189 10.64 2.23 -8.71
C TYR B 189 11.47 2.57 -9.93
N LEU B 190 12.64 1.97 -10.00
CA LEU B 190 13.52 2.22 -11.13
C LEU B 190 14.53 1.10 -11.28
N THR B 191 15.18 1.09 -12.43
CA THR B 191 16.22 0.12 -12.72
C THR B 191 17.46 0.93 -13.05
N ALA B 192 18.63 0.39 -12.73
CA ALA B 192 19.86 1.10 -13.02
C ALA B 192 20.91 0.08 -13.46
N GLU B 193 21.96 0.56 -14.11
CA GLU B 193 23.03 -0.32 -14.57
C GLU B 193 24.35 0.14 -13.98
N ALA B 194 25.08 -0.82 -13.39
CA ALA B 194 26.37 -0.54 -12.77
C ALA B 194 27.33 0.01 -13.83
N SER B 195 27.86 1.20 -13.59
CA SER B 195 28.79 1.82 -14.54
C SER B 195 29.94 2.51 -13.81
N LEU B 196 30.60 3.45 -14.48
CA LEU B 196 31.73 4.18 -13.88
C LEU B 196 31.28 5.09 -12.74
N SAH C . -12.18 5.53 4.17
CA SAH C . -10.75 5.22 4.27
CB SAH C . -10.37 4.33 3.05
CG SAH C . -8.90 3.88 2.99
SD SAH C . -8.25 3.01 1.53
C SAH C . -9.92 6.55 4.28
O SAH C . -10.33 7.50 3.56
OXT SAH C . -8.87 6.64 4.99
C5' SAH C . -9.62 1.77 1.25
C4' SAH C . -9.90 0.78 2.37
O4' SAH C . -10.86 -0.17 1.85
C3' SAH C . -8.61 0.02 2.92
O3' SAH C . -8.51 0.19 4.39
C2' SAH C . -8.81 -1.43 2.46
O2' SAH C . -8.54 -2.49 3.41
C1' SAH C . -10.24 -1.49 1.90
N9 SAH C . -11.11 -2.48 1.31
C8 SAH C . -10.92 -3.14 0.06
N7 SAH C . -11.88 -4.00 -0.16
C5 SAH C . -12.74 -3.93 0.94
C6 SAH C . -13.98 -4.58 1.33
N6 SAH C . -14.56 -5.53 0.58
N1 SAH C . -14.61 -4.26 2.54
C2 SAH C . -14.04 -3.33 3.32
N3 SAH C . -12.92 -2.65 3.09
C4 SAH C . -12.30 -2.98 1.87
O11 PPV D . -10.32 -7.86 14.73
P1 PPV D . -11.19 -9.03 15.30
O21 PPV D . -10.40 -9.59 16.53
O31 PPV D . -11.37 -10.00 14.14
OPP PPV D . -12.54 -8.28 15.75
P2 PPV D . -14.13 -8.52 15.36
O12 PPV D . -14.23 -9.65 14.43
O22 PPV D . -14.84 -8.75 16.67
O32 PPV D . -14.47 -7.14 14.73
N SAH E . 12.41 -6.57 0.17
CA SAH E . 11.67 -6.75 1.42
CB SAH E . 11.76 -5.41 2.23
CG SAH E . 11.06 -5.41 3.60
SD SAH E . 11.03 -3.94 4.67
C SAH E . 10.17 -7.13 1.11
O SAH E . 9.63 -6.56 0.12
OXT SAH E . 9.58 -7.96 1.83
C5' SAH E . 12.79 -3.36 4.50
C4' SAH E . 13.87 -4.31 4.95
O4' SAH E . 15.11 -3.61 4.79
C3' SAH E . 13.74 -4.82 6.44
O3' SAH E . 13.90 -6.30 6.48
C2' SAH E . 14.82 -4.05 7.20
O2' SAH E . 15.57 -4.79 8.19
C1' SAH E . 15.70 -3.43 6.11
N9 SAH E . 16.90 -2.58 6.02
C8 SAH E . 17.09 -1.27 6.51
N7 SAH E . 18.32 -0.84 6.24
C5 SAH E . 18.96 -1.89 5.56
C6 SAH E . 20.29 -2.11 4.99
N6 SAH E . 21.27 -1.19 5.04
N1 SAH E . 20.58 -3.33 4.36
C2 SAH E . 19.63 -4.26 4.30
N3 SAH E . 18.40 -4.20 4.78
C4 SAH E . 18.09 -2.98 5.41
#